data_3FC0
#
_entry.id   3FC0
#
_cell.length_a   52.609
_cell.length_b   69.293
_cell.length_c   73.994
_cell.angle_alpha   90.00
_cell.angle_beta   90.00
_cell.angle_gamma   90.00
#
_symmetry.space_group_name_H-M   'P 21 21 21'
#
loop_
_entity.id
_entity.type
_entity.pdbx_description
1 polymer 'GITR ligand'
2 non-polymer 'ACETATE ION'
3 water water
#
_entity_poly.entity_id   1
_entity_poly.type   'polypeptide(L)'
_entity_poly.pdbx_seq_one_letter_code
;RSHHHHHHSSGPTAIESCMVKFELSSSKWHMTSPKPHCVNTTSDGKLKILQSGTYLIYGQVIPVDKKYIKDNAPFVVQIY
KKNDVLQTLMNDFQILPIGGVYELHAGDNIYLKFNSKDHIQKTNTYWGIILMPDLPFIS
;
_entity_poly.pdbx_strand_id   A,B
#
# COMPACT_ATOMS: atom_id res chain seq x y z
N SER A 17 17.18 8.07 1.12
CA SER A 17 16.43 6.89 1.73
C SER A 17 15.56 7.29 2.92
N CYS A 18 14.23 7.30 2.77
CA CYS A 18 13.40 8.02 3.74
C CYS A 18 12.06 7.31 3.84
N MET A 19 11.88 6.58 4.94
CA MET A 19 10.62 5.88 5.18
C MET A 19 10.24 5.98 6.67
N VAL A 20 8.92 6.07 6.89
CA VAL A 20 8.41 6.15 8.25
C VAL A 20 7.17 5.25 8.35
N LYS A 21 6.96 4.67 9.53
CA LYS A 21 5.84 3.77 9.79
C LYS A 21 5.23 4.09 11.14
N PHE A 22 3.95 4.48 11.15
CA PHE A 22 3.25 4.79 12.41
C PHE A 22 2.48 3.56 12.91
N GLU A 23 2.70 3.12 14.15
CA GLU A 23 1.96 1.99 14.68
C GLU A 23 0.91 2.55 15.63
N LEU A 24 -0.36 2.32 15.31
CA LEU A 24 -1.38 2.89 16.14
C LEU A 24 -1.37 2.31 17.56
N SER A 25 -0.86 1.10 17.76
CA SER A 25 -0.91 0.49 19.09
C SER A 25 -0.07 1.24 20.12
N SER A 26 1.07 1.79 19.70
CA SER A 26 2.00 2.48 20.58
C SER A 26 1.99 3.98 20.34
N SER A 27 1.37 4.38 19.24
CA SER A 27 1.41 5.76 18.85
C SER A 27 2.84 6.24 18.64
N LYS A 28 3.68 5.35 18.13
CA LYS A 28 5.08 5.70 17.80
C LYS A 28 5.37 5.52 16.31
N TRP A 29 6.22 6.40 15.78
CA TRP A 29 6.79 6.27 14.44
C TRP A 29 8.11 5.49 14.50
N HIS A 30 8.30 4.58 13.55
CA HIS A 30 9.56 3.90 13.36
C HIS A 30 10.14 4.46 12.07
N MET A 31 11.42 4.87 12.10
CA MET A 31 11.97 5.68 10.99
C MET A 31 13.34 5.20 10.52
N THR A 32 13.68 5.52 9.29
CA THR A 32 14.99 5.19 8.73
C THR A 32 16.13 5.99 9.39
N SER A 33 15.83 7.16 9.91
CA SER A 33 16.84 8.00 10.57
C SER A 33 16.20 8.79 11.69
N PRO A 34 17.01 9.35 12.60
CA PRO A 34 16.47 10.10 13.72
C PRO A 34 15.64 11.26 13.23
N LYS A 35 16.09 11.90 12.17
CA LYS A 35 15.35 13.04 11.64
C LYS A 35 15.23 12.88 10.15
N PRO A 36 14.23 12.12 9.69
CA PRO A 36 14.00 11.95 8.26
C PRO A 36 13.97 13.25 7.47
N HIS A 37 14.74 13.32 6.39
CA HIS A 37 14.82 14.56 5.65
C HIS A 37 13.56 14.85 4.87
N CYS A 38 12.77 13.83 4.55
CA CYS A 38 11.68 14.09 3.61
C CYS A 38 10.35 14.43 4.30
N VAL A 39 10.25 14.12 5.60
CA VAL A 39 8.99 14.43 6.33
C VAL A 39 9.25 14.86 7.77
N ASN A 40 8.29 15.55 8.38
CA ASN A 40 8.22 15.66 9.87
C ASN A 40 6.98 14.87 10.28
N THR A 41 7.07 14.15 11.38
CA THR A 41 5.96 13.35 11.87
C THR A 41 5.36 13.97 13.15
N THR A 42 4.08 13.69 13.43
CA THR A 42 3.44 14.15 14.66
C THR A 42 3.04 12.97 15.54
N SER A 43 2.94 13.19 16.84
CA SER A 43 2.65 12.04 17.71
C SER A 43 1.22 11.53 17.56
N ASP A 44 0.33 12.29 16.92
CA ASP A 44 -0.98 11.71 16.61
C ASP A 44 -1.06 11.08 15.21
N GLY A 45 0.09 10.79 14.61
CA GLY A 45 0.11 9.98 13.38
C GLY A 45 -0.10 10.72 12.08
N LYS A 46 0.19 12.02 12.07
CA LYS A 46 0.13 12.83 10.86
C LYS A 46 1.53 13.14 10.32
N LEU A 47 1.60 13.57 9.07
CA LEU A 47 2.89 13.77 8.38
C LEU A 47 2.89 15.13 7.74
N LYS A 48 4.03 15.82 7.79
CA LYS A 48 4.13 16.98 6.93
C LYS A 48 5.21 16.70 5.87
N ILE A 49 4.91 16.94 4.60
CA ILE A 49 5.87 16.55 3.57
C ILE A 49 6.90 17.68 3.47
N LEU A 50 8.18 17.34 3.54
CA LEU A 50 9.21 18.41 3.42
C LEU A 50 9.83 18.44 2.03
N GLN A 51 9.84 17.26 1.37
CA GLN A 51 10.51 17.08 0.06
C GLN A 51 9.49 16.73 -1.01
N SER A 52 9.43 17.55 -2.05
CA SER A 52 8.53 17.27 -3.20
C SER A 52 9.03 16.01 -3.89
N GLY A 53 8.13 15.11 -4.29
CA GLY A 53 8.60 13.94 -4.98
C GLY A 53 7.49 12.91 -5.06
N THR A 54 7.87 11.75 -5.54
CA THR A 54 6.97 10.58 -5.66
C THR A 54 7.00 9.74 -4.41
N TYR A 55 5.84 9.58 -3.77
CA TYR A 55 5.80 8.79 -2.56
C TYR A 55 4.86 7.62 -2.67
N LEU A 56 5.18 6.56 -1.95
CA LEU A 56 4.23 5.45 -1.75
C LEU A 56 3.65 5.61 -0.34
N ILE A 57 2.36 5.91 -0.26
CA ILE A 57 1.64 5.98 1.01
C ILE A 57 1.11 4.57 1.24
N TYR A 58 1.25 4.04 2.44
CA TYR A 58 0.87 2.65 2.66
C TYR A 58 0.26 2.48 4.04
N GLY A 59 -0.27 1.30 4.28
CA GLY A 59 -0.70 0.95 5.65
C GLY A 59 -1.81 -0.11 5.58
N GLN A 60 -2.14 -0.66 6.75
CA GLN A 60 -3.28 -1.57 6.85
C GLN A 60 -4.13 -1.05 8.04
N VAL A 61 -5.43 -0.87 7.82
CA VAL A 61 -6.33 -0.54 8.96
C VAL A 61 -7.15 -1.79 9.26
N ILE A 62 -7.12 -2.25 10.52
CA ILE A 62 -7.76 -3.49 10.92
C ILE A 62 -9.04 -3.07 11.66
N PRO A 63 -10.21 -3.50 11.14
CA PRO A 63 -11.49 -3.13 11.78
C PRO A 63 -11.87 -4.12 12.87
N VAL A 64 -12.63 -3.66 13.87
CA VAL A 64 -13.25 -4.59 14.80
C VAL A 64 -14.19 -5.47 13.98
N ASP A 65 -14.37 -6.73 14.36
CA ASP A 65 -15.29 -7.62 13.62
C ASP A 65 -16.72 -7.07 13.52
N LYS A 66 -17.34 -7.17 12.34
CA LYS A 66 -18.68 -6.63 12.13
C LYS A 66 -19.68 -7.15 13.18
N LYS A 67 -19.51 -8.37 13.62
CA LYS A 67 -20.47 -8.92 14.56
C LYS A 67 -20.55 -8.11 15.84
N TYR A 68 -19.48 -7.37 16.14
CA TYR A 68 -19.45 -6.60 17.39
C TYR A 68 -19.91 -5.15 17.20
N ILE A 69 -20.08 -4.72 15.95
CA ILE A 69 -20.55 -3.38 15.65
C ILE A 69 -22.09 -3.34 15.56
N LYS A 70 -22.75 -2.68 16.49
CA LYS A 70 -24.22 -2.90 16.65
C LYS A 70 -25.12 -1.88 16.00
N ASP A 71 -24.59 -1.13 15.05
CA ASP A 71 -25.43 -0.28 14.27
C ASP A 71 -24.97 -0.39 12.86
N ASN A 72 -25.39 0.55 12.06
CA ASN A 72 -25.17 0.41 10.67
C ASN A 72 -24.31 1.54 10.14
N ALA A 73 -23.42 2.05 10.98
CA ALA A 73 -22.44 3.04 10.46
C ALA A 73 -21.40 2.30 9.61
N PRO A 74 -21.10 2.82 8.41
CA PRO A 74 -20.17 2.07 7.58
C PRO A 74 -18.68 2.21 8.00
N PHE A 75 -17.86 1.23 7.60
CA PHE A 75 -16.43 1.26 7.87
C PHE A 75 -15.76 2.02 6.71
N VAL A 76 -15.31 3.24 6.98
CA VAL A 76 -14.75 4.12 5.94
C VAL A 76 -13.45 4.75 6.44
N VAL A 77 -12.44 4.76 5.57
CA VAL A 77 -11.18 5.42 5.92
C VAL A 77 -10.81 6.36 4.80
N GLN A 78 -10.39 7.58 5.12
CA GLN A 78 -9.99 8.50 4.09
C GLN A 78 -8.53 8.93 4.39
N ILE A 79 -7.80 9.19 3.31
CA ILE A 79 -6.49 9.81 3.45
C ILE A 79 -6.66 11.21 2.90
N TYR A 80 -6.25 12.20 3.70
CA TYR A 80 -6.28 13.61 3.28
C TYR A 80 -4.88 14.10 2.90
N LYS A 81 -4.84 15.02 1.94
CA LYS A 81 -3.63 15.80 1.64
C LYS A 81 -4.10 17.23 1.78
N LYS A 82 -3.58 17.94 2.78
CA LYS A 82 -4.12 19.26 3.13
C LYS A 82 -5.62 19.14 3.35
N ASN A 83 -6.42 19.90 2.60
CA ASN A 83 -7.89 19.77 2.64
C ASN A 83 -8.49 19.14 1.38
N ASP A 84 -7.68 18.37 0.66
CA ASP A 84 -8.16 17.60 -0.48
C ASP A 84 -8.32 16.16 0.04
N VAL A 85 -9.32 15.45 -0.46
CA VAL A 85 -9.41 14.04 -0.09
C VAL A 85 -8.63 13.29 -1.13
N LEU A 86 -7.59 12.58 -0.70
CA LEU A 86 -6.80 11.83 -1.63
C LEU A 86 -7.45 10.51 -1.98
N GLN A 87 -8.00 9.82 -0.99
CA GLN A 87 -8.70 8.59 -1.35
C GLN A 87 -9.72 8.25 -0.27
N THR A 88 -10.80 7.60 -0.67
CA THR A 88 -11.82 7.18 0.30
C THR A 88 -12.04 5.71 0.13
N LEU A 89 -11.91 4.93 1.20
CA LEU A 89 -11.97 3.50 1.15
C LEU A 89 -13.11 2.99 2.02
N MET A 90 -13.78 1.95 1.56
CA MET A 90 -14.80 1.28 2.41
C MET A 90 -14.85 -0.20 2.09
N ASN A 91 -15.20 -0.99 3.08
CA ASN A 91 -15.41 -2.41 2.86
C ASN A 91 -16.26 -2.91 4.02
N ASP A 92 -16.62 -4.19 4.06
CA ASP A 92 -17.51 -4.70 5.10
C ASP A 92 -16.74 -5.23 6.31
N PHE A 93 -16.05 -4.32 6.98
CA PHE A 93 -15.27 -4.58 8.18
C PHE A 93 -14.27 -5.69 7.95
N GLN A 94 -13.46 -5.53 6.90
CA GLN A 94 -12.37 -6.48 6.63
C GLN A 94 -11.04 -5.71 6.67
N ILE A 95 -9.94 -6.44 6.83
CA ILE A 95 -8.63 -5.78 6.78
C ILE A 95 -8.54 -4.90 5.52
N LEU A 96 -8.02 -3.69 5.67
CA LEU A 96 -8.05 -2.67 4.63
C LEU A 96 -6.66 -2.09 4.37
N PRO A 97 -5.99 -2.61 3.31
CA PRO A 97 -4.75 -1.95 2.88
C PRO A 97 -5.14 -0.57 2.38
N ILE A 98 -4.27 0.43 2.54
CA ILE A 98 -4.57 1.77 2.07
C ILE A 98 -3.42 2.32 1.22
N GLY A 99 -3.68 3.42 0.50
CA GLY A 99 -2.56 4.20 -0.10
C GLY A 99 -2.33 3.88 -1.57
N GLY A 100 -1.08 4.00 -2.01
CA GLY A 100 -0.76 4.02 -3.44
C GLY A 100 0.39 4.96 -3.68
N VAL A 101 0.76 5.09 -4.96
CA VAL A 101 1.79 6.05 -5.40
C VAL A 101 1.15 7.42 -5.71
N TYR A 102 1.68 8.48 -5.09
CA TYR A 102 1.15 9.84 -5.21
C TYR A 102 2.31 10.80 -5.33
N GLU A 103 2.12 11.81 -6.18
CA GLU A 103 3.04 12.95 -6.20
C GLU A 103 2.69 13.90 -5.08
N LEU A 104 3.62 14.13 -4.14
CA LEU A 104 3.37 15.08 -3.06
C LEU A 104 4.34 16.26 -3.19
N HIS A 105 3.97 17.37 -2.62
CA HIS A 105 4.83 18.53 -2.72
C HIS A 105 5.24 19.00 -1.33
N ALA A 106 6.42 19.60 -1.24
CA ALA A 106 6.79 20.31 -0.04
C ALA A 106 5.69 21.21 0.53
N GLY A 107 5.41 21.01 1.81
CA GLY A 107 4.37 21.77 2.51
C GLY A 107 3.07 20.99 2.69
N ASP A 108 2.89 19.90 1.94
CA ASP A 108 1.66 19.08 2.03
C ASP A 108 1.59 18.42 3.39
N ASN A 109 0.40 18.30 3.98
CA ASN A 109 0.26 17.44 5.14
C ASN A 109 -0.47 16.18 4.67
N ILE A 110 -0.23 15.06 5.33
CA ILE A 110 -0.94 13.82 5.03
C ILE A 110 -1.46 13.26 6.34
N TYR A 111 -2.73 12.85 6.37
CA TYR A 111 -3.24 12.23 7.59
C TYR A 111 -4.48 11.41 7.25
N LEU A 112 -4.86 10.56 8.19
CA LEU A 112 -6.06 9.74 8.00
C LEU A 112 -7.25 10.24 8.80
N LYS A 113 -8.44 9.92 8.29
CA LYS A 113 -9.68 10.15 9.04
C LYS A 113 -10.51 8.87 8.95
N PHE A 114 -11.14 8.49 10.06
CA PHE A 114 -11.95 7.30 10.12
C PHE A 114 -13.41 7.68 10.37
N ASN A 115 -14.32 6.93 9.79
CA ASN A 115 -15.73 7.28 9.95
C ASN A 115 -16.08 7.17 11.42
N SER A 116 -15.55 6.14 12.07
CA SER A 116 -15.67 5.99 13.51
C SER A 116 -14.42 5.38 14.13
N LYS A 117 -13.82 6.09 15.08
CA LYS A 117 -12.62 5.59 15.76
C LYS A 117 -12.86 4.26 16.44
N ASP A 118 -14.07 4.07 16.93
CA ASP A 118 -14.37 2.80 17.58
C ASP A 118 -14.46 1.59 16.64
N HIS A 119 -14.44 1.83 15.34
CA HIS A 119 -14.36 0.72 14.41
C HIS A 119 -12.96 0.14 14.33
N ILE A 120 -11.98 0.87 14.88
CA ILE A 120 -10.57 0.57 14.56
C ILE A 120 -9.87 -0.21 15.64
N GLN A 121 -9.37 -1.38 15.29
CA GLN A 121 -8.53 -2.13 16.21
C GLN A 121 -7.13 -1.51 16.20
N LYS A 122 -6.66 -1.09 17.37
CA LYS A 122 -5.34 -0.45 17.44
C LYS A 122 -4.22 -1.41 17.10
N THR A 123 -4.29 -2.62 17.65
CA THR A 123 -3.27 -3.62 17.41
C THR A 123 -3.16 -4.00 15.93
N ASN A 124 -1.94 -3.95 15.43
CA ASN A 124 -1.68 -4.23 14.02
C ASN A 124 -2.17 -3.21 12.99
N THR A 125 -2.78 -2.09 13.38
CA THR A 125 -3.12 -1.04 12.44
C THR A 125 -1.88 -0.15 12.31
N TYR A 126 -1.49 0.17 11.07
CA TYR A 126 -0.30 0.98 10.88
C TYR A 126 -0.41 1.75 9.55
N TRP A 127 0.31 2.84 9.39
CA TRP A 127 0.38 3.50 8.08
C TRP A 127 1.68 4.31 7.97
N GLY A 128 1.99 4.82 6.78
CA GLY A 128 3.28 5.54 6.70
C GLY A 128 3.53 5.93 5.26
N ILE A 129 4.74 6.44 4.96
CA ILE A 129 5.06 6.82 3.61
C ILE A 129 6.51 6.46 3.37
N ILE A 130 6.85 6.29 2.09
CA ILE A 130 8.24 6.05 1.68
C ILE A 130 8.48 6.95 0.45
N LEU A 131 9.53 7.77 0.51
CA LEU A 131 10.00 8.49 -0.67
C LEU A 131 10.56 7.47 -1.69
N MET A 132 10.01 7.48 -2.89
CA MET A 132 10.32 6.45 -3.85
C MET A 132 11.57 6.79 -4.67
N PRO A 133 12.37 5.78 -5.02
CA PRO A 133 13.45 6.01 -6.00
C PRO A 133 12.87 6.19 -7.40
N ASP A 134 13.62 6.83 -8.31
CA ASP A 134 13.18 6.90 -9.69
C ASP A 134 13.12 5.47 -10.20
N LEU A 135 12.23 5.21 -11.17
CA LEU A 135 12.09 3.87 -11.74
C LEU A 135 12.25 4.04 -13.25
N PRO A 136 13.47 4.43 -13.68
CA PRO A 136 13.69 4.73 -15.09
C PRO A 136 13.74 3.51 -16.04
N PHE A 137 14.06 2.32 -15.56
CA PHE A 137 14.21 1.18 -16.45
C PHE A 137 12.93 0.40 -16.63
N ILE A 138 12.65 0.04 -17.89
CA ILE A 138 11.34 -0.53 -18.25
C ILE A 138 11.60 -1.85 -18.93
N SER A 139 10.86 -2.89 -18.54
CA SER A 139 11.07 -4.19 -19.13
C SER A 139 9.79 -5.03 -19.18
N SER B 17 18.93 -0.93 -2.94
CA SER B 17 17.71 -0.09 -3.20
C SER B 17 16.98 -0.68 -4.40
N CYS B 18 15.74 -1.13 -4.17
CA CYS B 18 15.18 -2.11 -5.07
C CYS B 18 13.67 -1.99 -5.08
N MET B 19 13.13 -1.46 -6.17
CA MET B 19 11.67 -1.30 -6.31
C MET B 19 11.25 -1.57 -7.74
N VAL B 20 10.13 -2.26 -7.88
CA VAL B 20 9.57 -2.52 -9.19
C VAL B 20 8.08 -2.21 -9.16
N LYS B 21 7.54 -1.84 -10.31
CA LYS B 21 6.12 -1.53 -10.44
C LYS B 21 5.61 -2.02 -11.77
N PHE B 22 4.62 -2.91 -11.72
CA PHE B 22 4.02 -3.47 -12.94
C PHE B 22 2.82 -2.60 -13.35
N GLU B 23 2.79 -2.13 -14.59
CA GLU B 23 1.65 -1.37 -15.11
C GLU B 23 0.80 -2.30 -15.98
N LEU B 24 -0.43 -2.55 -15.56
CA LEU B 24 -1.27 -3.48 -16.29
C LEU B 24 -1.60 -2.98 -17.69
N SER B 25 -1.66 -1.68 -17.88
CA SER B 25 -2.01 -1.20 -19.20
C SER B 25 -0.99 -1.62 -20.27
N SER B 26 0.29 -1.67 -19.92
CA SER B 26 1.30 -1.92 -20.93
C SER B 26 1.93 -3.28 -20.70
N SER B 27 1.64 -3.89 -19.56
CA SER B 27 2.30 -5.12 -19.19
C SER B 27 3.83 -5.02 -19.06
N LYS B 28 4.30 -3.87 -18.60
CA LYS B 28 5.73 -3.63 -18.40
C LYS B 28 6.00 -3.29 -16.95
N TRP B 29 7.18 -3.68 -16.48
CA TRP B 29 7.65 -3.33 -15.15
C TRP B 29 8.56 -2.11 -15.27
N HIS B 30 8.39 -1.17 -14.34
CA HIS B 30 9.24 0.00 -14.19
C HIS B 30 10.11 -0.28 -13.00
N MET B 31 11.43 -0.01 -13.11
CA MET B 31 12.35 -0.63 -12.16
C MET B 31 13.51 0.30 -11.80
N THR B 32 14.13 0.04 -10.66
CA THR B 32 15.19 0.94 -10.16
C THR B 32 16.50 0.72 -10.93
N SER B 33 16.61 -0.45 -11.53
CA SER B 33 17.76 -0.78 -12.39
C SER B 33 17.37 -1.87 -13.42
N PRO B 34 18.24 -2.17 -14.40
CA PRO B 34 17.93 -3.18 -15.41
C PRO B 34 17.69 -4.57 -14.85
N LYS B 35 18.41 -4.90 -13.79
CA LYS B 35 18.37 -6.22 -13.20
C LYS B 35 18.36 -6.01 -11.70
N PRO B 36 17.20 -5.59 -11.16
CA PRO B 36 17.09 -5.38 -9.72
C PRO B 36 17.64 -6.59 -8.97
N HIS B 37 18.45 -6.34 -7.96
CA HIS B 37 19.06 -7.43 -7.21
C HIS B 37 18.08 -8.20 -6.38
N CYS B 38 16.99 -7.56 -5.93
CA CYS B 38 16.12 -8.24 -4.96
C CYS B 38 15.03 -9.14 -5.54
N VAL B 39 14.74 -9.01 -6.84
CA VAL B 39 13.60 -9.70 -7.44
C VAL B 39 13.75 -9.99 -8.93
N ASN B 40 13.18 -11.09 -9.39
CA ASN B 40 12.97 -11.29 -10.82
C ASN B 40 11.54 -11.08 -11.21
N THR B 41 11.33 -10.37 -12.31
CA THR B 41 9.99 -10.04 -12.79
C THR B 41 9.62 -10.76 -14.09
N THR B 42 8.35 -11.10 -14.24
CA THR B 42 7.84 -11.81 -15.43
C THR B 42 6.84 -10.94 -16.21
N SER B 43 6.75 -11.13 -17.53
CA SER B 43 5.90 -10.27 -18.36
C SER B 43 4.41 -10.51 -18.10
N ASP B 44 4.11 -11.58 -17.39
CA ASP B 44 2.75 -11.87 -16.95
C ASP B 44 2.47 -11.23 -15.58
N GLY B 45 3.38 -10.37 -15.12
CA GLY B 45 3.11 -9.58 -13.90
C GLY B 45 3.37 -10.33 -12.61
N LYS B 46 4.18 -11.39 -12.68
CA LYS B 46 4.57 -12.09 -11.47
C LYS B 46 5.96 -11.74 -11.05
N LEU B 47 6.29 -12.07 -9.82
CA LEU B 47 7.65 -11.88 -9.43
C LEU B 47 8.17 -12.95 -8.50
N LYS B 48 9.49 -13.03 -8.45
CA LYS B 48 10.13 -14.02 -7.63
C LYS B 48 11.15 -13.33 -6.77
N ILE B 49 11.02 -13.51 -5.46
CA ILE B 49 11.91 -12.89 -4.49
C ILE B 49 13.30 -13.56 -4.48
N LEU B 50 14.35 -12.77 -4.68
CA LEU B 50 15.72 -13.29 -4.75
C LEU B 50 16.44 -13.11 -3.42
N GLN B 51 16.07 -12.06 -2.70
CA GLN B 51 16.70 -11.71 -1.43
C GLN B 51 15.68 -11.77 -0.27
N SER B 52 15.97 -12.59 0.74
CA SER B 52 15.16 -12.59 1.95
C SER B 52 15.17 -11.23 2.65
N GLY B 53 14.01 -10.79 3.13
CA GLY B 53 13.98 -9.49 3.75
C GLY B 53 12.56 -9.02 4.01
N THR B 54 12.45 -7.77 4.46
CA THR B 54 11.14 -7.16 4.73
C THR B 54 10.74 -6.37 3.48
N TYR B 55 9.56 -6.69 2.93
CA TYR B 55 9.08 -6.01 1.74
C TYR B 55 7.78 -5.29 1.97
N LEU B 56 7.62 -4.17 1.25
CA LEU B 56 6.27 -3.58 1.10
C LEU B 56 5.69 -4.01 -0.24
N ILE B 57 4.63 -4.82 -0.18
CA ILE B 57 3.89 -5.19 -1.39
C ILE B 57 2.80 -4.12 -1.54
N TYR B 58 2.60 -3.58 -2.75
CA TYR B 58 1.67 -2.45 -2.93
C TYR B 58 0.98 -2.49 -4.28
N GLY B 59 0.03 -1.60 -4.49
CA GLY B 59 -0.62 -1.56 -5.78
C GLY B 59 -2.02 -0.99 -5.65
N GLN B 60 -2.62 -0.63 -6.77
CA GLN B 60 -4.05 -0.27 -6.80
C GLN B 60 -4.68 -1.10 -7.91
N VAL B 61 -5.76 -1.81 -7.56
CA VAL B 61 -6.57 -2.45 -8.59
C VAL B 61 -7.82 -1.61 -8.78
N ILE B 62 -8.01 -1.11 -10.00
CA ILE B 62 -9.11 -0.22 -10.27
C ILE B 62 -10.18 -1.01 -11.03
N PRO B 63 -11.42 -1.02 -10.51
CA PRO B 63 -12.48 -1.80 -11.18
C PRO B 63 -13.09 -0.99 -12.30
N VAL B 64 -13.62 -1.64 -13.33
CA VAL B 64 -14.40 -0.87 -14.33
C VAL B 64 -15.69 -0.33 -13.67
N ASP B 65 -16.37 0.60 -14.33
CA ASP B 65 -17.65 1.07 -13.79
C ASP B 65 -18.64 -0.11 -13.80
N LYS B 66 -19.52 -0.19 -12.79
CA LYS B 66 -20.44 -1.34 -12.73
C LYS B 66 -21.40 -1.41 -13.94
N LYS B 67 -21.65 -0.29 -14.60
CA LYS B 67 -22.55 -0.32 -15.77
C LYS B 67 -22.01 -1.23 -16.85
N TYR B 68 -20.71 -1.57 -16.74
CA TYR B 68 -20.06 -2.42 -17.74
C TYR B 68 -20.00 -3.85 -17.25
N ILE B 69 -20.24 -4.07 -15.96
CA ILE B 69 -20.09 -5.43 -15.45
C ILE B 69 -21.24 -6.30 -15.97
N PRO B 74 -18.94 -10.53 -7.52
CA PRO B 74 -18.19 -9.80 -6.52
C PRO B 74 -16.77 -9.36 -7.02
N PHE B 75 -16.32 -8.16 -6.66
CA PHE B 75 -14.97 -7.69 -7.04
C PHE B 75 -13.97 -8.28 -6.04
N VAL B 76 -13.20 -9.27 -6.47
CA VAL B 76 -12.21 -9.92 -5.58
C VAL B 76 -10.81 -9.95 -6.14
N VAL B 77 -9.84 -9.65 -5.28
CA VAL B 77 -8.43 -9.73 -5.61
C VAL B 77 -7.72 -10.46 -4.51
N GLN B 78 -6.86 -11.40 -4.89
CA GLN B 78 -5.96 -12.08 -3.96
C GLN B 78 -4.50 -11.87 -4.32
N ILE B 79 -3.65 -11.71 -3.30
CA ILE B 79 -2.22 -11.86 -3.44
C ILE B 79 -1.81 -13.26 -3.00
N TYR B 80 -1.06 -13.97 -3.85
CA TYR B 80 -0.51 -15.27 -3.49
C TYR B 80 0.98 -15.19 -3.18
N LYS B 81 1.43 -16.08 -2.31
CA LYS B 81 2.84 -16.32 -2.08
C LYS B 81 3.04 -17.81 -2.32
N LYS B 82 3.74 -18.15 -3.40
CA LYS B 82 3.74 -19.53 -3.90
C LYS B 82 2.33 -20.07 -4.13
N ASN B 83 1.99 -21.20 -3.54
CA ASN B 83 0.66 -21.76 -3.76
C ASN B 83 -0.36 -21.36 -2.70
N ASP B 84 0.02 -20.51 -1.75
CA ASP B 84 -0.92 -20.11 -0.70
C ASP B 84 -1.36 -18.66 -0.76
N VAL B 85 -2.58 -18.40 -0.31
CA VAL B 85 -3.08 -17.02 -0.28
C VAL B 85 -2.47 -16.17 0.82
N LEU B 86 -1.93 -15.02 0.43
CA LEU B 86 -1.33 -14.12 1.39
C LEU B 86 -2.37 -13.08 1.81
N GLN B 87 -3.23 -12.68 0.90
CA GLN B 87 -4.20 -11.67 1.20
C GLN B 87 -5.41 -11.83 0.28
N THR B 88 -6.61 -11.65 0.85
CA THR B 88 -7.88 -11.63 0.08
C THR B 88 -8.65 -10.34 0.28
N LEU B 89 -8.95 -9.62 -0.79
CA LEU B 89 -9.64 -8.33 -0.74
C LEU B 89 -10.94 -8.35 -1.53
N MET B 90 -11.99 -7.71 -1.02
CA MET B 90 -13.27 -7.65 -1.72
C MET B 90 -13.93 -6.34 -1.42
N ASN B 91 -14.62 -5.78 -2.40
CA ASN B 91 -15.44 -4.63 -2.15
C ASN B 91 -16.46 -4.51 -3.26
N ASP B 92 -17.28 -3.46 -3.20
CA ASP B 92 -18.34 -3.37 -4.18
C ASP B 92 -17.87 -2.54 -5.37
N PHE B 93 -16.89 -3.08 -6.10
CA PHE B 93 -16.42 -2.45 -7.33
C PHE B 93 -15.93 -1.03 -7.09
N GLN B 94 -15.01 -0.88 -6.12
CA GLN B 94 -14.39 0.43 -5.81
C GLN B 94 -12.85 0.28 -5.87
N ILE B 95 -12.15 1.41 -5.98
CA ILE B 95 -10.67 1.40 -5.94
C ILE B 95 -10.20 0.53 -4.79
N LEU B 96 -9.24 -0.35 -5.09
CA LEU B 96 -8.72 -1.28 -4.11
C LEU B 96 -7.17 -1.18 -4.03
N PRO B 97 -6.64 -0.42 -3.06
CA PRO B 97 -5.22 -0.53 -2.68
C PRO B 97 -4.97 -1.93 -2.14
N ILE B 98 -3.78 -2.49 -2.40
CA ILE B 98 -3.48 -3.84 -1.97
C ILE B 98 -2.18 -3.89 -1.20
N GLY B 99 -1.94 -5.00 -0.53
CA GLY B 99 -0.61 -5.26 0.09
C GLY B 99 -0.40 -4.86 1.55
N GLY B 100 0.84 -4.49 1.88
CA GLY B 100 1.22 -4.24 3.24
C GLY B 100 2.67 -4.68 3.43
N VAL B 101 3.14 -4.62 4.66
CA VAL B 101 4.50 -5.10 4.99
C VAL B 101 4.55 -6.61 5.28
N TYR B 102 5.41 -7.31 4.54
CA TYR B 102 5.60 -8.74 4.72
C TYR B 102 7.05 -9.18 4.77
N GLU B 103 7.28 -10.23 5.54
CA GLU B 103 8.56 -10.94 5.55
C GLU B 103 8.55 -11.97 4.45
N LEU B 104 9.48 -11.83 3.51
CA LEU B 104 9.52 -12.69 2.34
C LEU B 104 10.88 -13.39 2.32
N HIS B 105 10.93 -14.55 1.70
CA HIS B 105 12.17 -15.33 1.64
C HIS B 105 12.61 -15.55 0.18
N ALA B 106 13.92 -15.50 -0.03
CA ALA B 106 14.46 -15.86 -1.34
C ALA B 106 13.76 -17.13 -1.79
N GLY B 107 13.29 -17.16 -3.03
CA GLY B 107 12.52 -18.30 -3.52
C GLY B 107 11.01 -18.09 -3.65
N ASP B 108 10.47 -17.17 -2.84
CA ASP B 108 9.02 -16.87 -2.88
C ASP B 108 8.58 -16.24 -4.20
N ASN B 109 7.54 -16.81 -4.82
CA ASN B 109 6.82 -16.19 -5.92
C ASN B 109 5.68 -15.36 -5.34
N ILE B 110 5.47 -14.16 -5.87
CA ILE B 110 4.34 -13.28 -5.46
C ILE B 110 3.57 -12.96 -6.74
N TYR B 111 2.25 -13.16 -6.73
CA TYR B 111 1.43 -12.80 -7.90
C TYR B 111 -0.02 -12.54 -7.47
N LEU B 112 -0.77 -11.90 -8.35
CA LEU B 112 -2.19 -11.58 -8.14
C LEU B 112 -3.14 -12.55 -8.87
N LYS B 113 -4.29 -12.83 -8.26
CA LYS B 113 -5.39 -13.57 -8.91
C LYS B 113 -6.66 -12.71 -8.82
N PHE B 114 -7.43 -12.63 -9.92
CA PHE B 114 -8.63 -11.81 -9.97
C PHE B 114 -9.84 -12.75 -10.13
N ASN B 115 -10.97 -12.36 -9.54
CA ASN B 115 -12.25 -13.10 -9.61
C ASN B 115 -12.67 -13.14 -11.07
N SER B 116 -12.69 -11.97 -11.70
CA SER B 116 -12.90 -11.85 -13.12
C SER B 116 -11.99 -10.78 -13.77
N LYS B 117 -11.19 -11.18 -14.75
CA LYS B 117 -10.31 -10.24 -15.42
C LYS B 117 -11.09 -9.10 -16.05
N ASP B 118 -12.34 -9.37 -16.41
CA ASP B 118 -13.18 -8.36 -17.04
C ASP B 118 -13.59 -7.22 -16.10
N HIS B 119 -13.49 -7.46 -14.79
CA HIS B 119 -13.83 -6.44 -13.81
C HIS B 119 -12.78 -5.34 -13.74
N ILE B 120 -11.61 -5.60 -14.32
CA ILE B 120 -10.41 -4.78 -14.06
C ILE B 120 -10.16 -3.76 -15.15
N GLN B 121 -10.10 -2.49 -14.77
CA GLN B 121 -9.67 -1.45 -15.67
C GLN B 121 -8.12 -1.50 -15.74
N LYS B 122 -7.59 -1.78 -16.92
CA LYS B 122 -6.13 -1.94 -17.04
C LYS B 122 -5.41 -0.63 -16.86
N THR B 123 -5.97 0.42 -17.41
CA THR B 123 -5.46 1.76 -17.28
C THR B 123 -5.44 2.09 -15.77
N ASN B 124 -4.33 2.56 -15.26
CA ASN B 124 -4.32 2.91 -13.83
C ASN B 124 -4.26 1.74 -12.85
N THR B 125 -4.34 0.49 -13.27
CA THR B 125 -4.08 -0.62 -12.36
C THR B 125 -2.57 -0.98 -12.34
N TYR B 126 -2.01 -1.18 -11.15
CA TYR B 126 -0.55 -1.44 -11.04
C TYR B 126 -0.29 -2.17 -9.73
N TRP B 127 0.85 -2.85 -9.62
CA TRP B 127 1.25 -3.42 -8.35
C TRP B 127 2.76 -3.65 -8.38
N GLY B 128 3.33 -3.91 -7.23
CA GLY B 128 4.78 -4.05 -7.19
C GLY B 128 5.26 -4.37 -5.80
N ILE B 129 6.59 -4.31 -5.61
CA ILE B 129 7.17 -4.47 -4.32
C ILE B 129 8.36 -3.53 -4.19
N ILE B 130 8.69 -3.24 -2.94
CA ILE B 130 9.90 -2.50 -2.56
C ILE B 130 10.57 -3.18 -1.36
N LEU B 131 11.87 -3.48 -1.49
CA LEU B 131 12.63 -3.98 -0.37
C LEU B 131 12.79 -2.85 0.64
N MET B 132 12.39 -3.08 1.88
CA MET B 132 12.41 -1.97 2.83
C MET B 132 13.76 -1.83 3.54
N PRO B 133 14.18 -0.60 3.80
CA PRO B 133 15.29 -0.27 4.68
C PRO B 133 14.90 -0.60 6.13
N ASP B 134 15.87 -0.82 7.00
CA ASP B 134 15.53 -1.03 8.39
C ASP B 134 14.95 0.25 8.92
N LEU B 135 14.09 0.17 9.94
CA LEU B 135 13.51 1.35 10.57
C LEU B 135 13.88 1.32 12.05
N PRO B 136 15.13 1.66 12.37
CA PRO B 136 15.57 1.49 13.74
C PRO B 136 15.17 2.59 14.71
N PHE B 137 14.86 3.79 14.20
CA PHE B 137 14.66 4.93 15.07
C PHE B 137 13.20 5.17 15.39
N ILE B 138 12.95 5.60 16.63
CA ILE B 138 11.57 5.74 17.11
C ILE B 138 11.28 7.19 17.49
N SER B 139 10.04 7.59 17.23
CA SER B 139 9.55 8.96 17.21
C SER B 139 10.44 10.08 17.67
#